data_1J6P
#
_entry.id   1J6P
#
_cell.length_a   113.782
_cell.length_b   113.782
_cell.length_c   81.305
_cell.angle_alpha   90.00
_cell.angle_beta   90.00
_cell.angle_gamma   120.00
#
_symmetry.space_group_name_H-M   'P 32 2 1'
#
loop_
_entity.id
_entity.type
_entity.pdbx_description
1 polymer 'METAL-DEPENDENT HYDROLASE OF CYTOSINEDEMANIASE/CHLOROHYDROLASE FAMILY'
2 non-polymer 'NICKEL (II) ION'
3 water water
#
_entity_poly.entity_id   1
_entity_poly.type   'polypeptide(L)'
_entity_poly.pdbx_seq_one_letter_code
;(MSE)GSDKIHHHHHH(MSE)IIGNCLILKDFSSEPFWGAVEIENGTIKRVLQGEVKVDLDLSGKLV(MSE)PALFNTHT
HAP(MSE)TLLRGVAEDLSFEEWLFSKVLPIEDRLTEK(MSE)AYYGTILAQ(MSE)E(MSE)ARHGIAGFVD(MSE)YF
HEEWIAKAVRDFG(MSE)RALLTRGLVDSNGDDGGRLEENLKLYNEWNGFEGRIFVGFGPHSPYLCSEEYLKRVFDTAKS
LNAPVTIHLYETSKEEYDLEDILNIGLKEVKTIAAHCVHLPERYFGVLKDIPFFVSHNPASNLKLGNGIAPVQR(MSE)I
EHG(MSE)KVTLGTDGAASNNSLNLFFE(MSE)RLASLLQKAQNPRNLDVNTCLK(MSE)VTYDGAQA(MSE)GFKSGKI
EEGWNADLVVIDLDLPE(MSE)FPVQNIKNHLVHAFSGEVFAT(MSE)VAGKWIYFDGEYPTIDSEEVKRELARIEKELY
SS
;
_entity_poly.pdbx_strand_id   A
#
loop_
_chem_comp.id
_chem_comp.type
_chem_comp.name
_chem_comp.formula
NI non-polymer 'NICKEL (II) ION' 'Ni 2'
#
# COMPACT_ATOMS: atom_id res chain seq x y z
N HIS A 11 -0.22 4.53 25.47
CA HIS A 11 0.84 4.62 26.51
C HIS A 11 1.31 3.22 26.95
N HIS A 12 0.39 2.40 27.48
CA HIS A 12 0.72 1.02 27.88
C HIS A 12 -0.47 0.07 28.01
N MSE A 13 -0.40 -1.07 27.31
CA MSE A 13 -1.47 -2.06 27.33
C MSE A 13 -1.02 -3.48 26.96
O MSE A 13 0.07 -3.69 26.40
CB MSE A 13 -2.59 -1.66 26.34
CG MSE A 13 -3.33 -0.35 26.62
SE MSE A 13 -4.54 -0.37 28.19
CE MSE A 13 -5.99 -1.41 27.42
N ILE A 14 -1.85 -4.45 27.30
CA ILE A 14 -1.57 -5.83 26.95
C ILE A 14 -2.83 -6.37 26.29
N ILE A 15 -2.67 -6.87 25.05
CA ILE A 15 -3.80 -7.40 24.33
C ILE A 15 -3.51 -8.83 23.92
N GLY A 16 -4.57 -9.60 23.78
CA GLY A 16 -4.34 -10.96 23.41
C GLY A 16 -5.14 -12.01 24.12
N ASN A 17 -4.41 -13.01 24.60
CA ASN A 17 -4.96 -14.20 25.22
C ASN A 17 -5.70 -14.86 24.06
N CYS A 18 -4.98 -15.02 22.96
CA CYS A 18 -5.55 -15.61 21.74
C CYS A 18 -4.39 -16.03 20.87
N LEU A 19 -4.69 -16.58 19.68
CA LEU A 19 -3.62 -16.98 18.80
C LEU A 19 -2.88 -15.74 18.27
N ILE A 20 -1.55 -15.84 18.23
CA ILE A 20 -0.66 -14.78 17.76
C ILE A 20 0.17 -15.34 16.60
N LEU A 21 0.24 -14.62 15.49
CA LEU A 21 1.04 -15.06 14.34
C LEU A 21 2.11 -14.00 14.28
N LYS A 22 3.32 -14.35 14.73
CA LYS A 22 4.43 -13.39 14.82
C LYS A 22 4.89 -12.81 13.49
N ASP A 23 4.98 -13.67 12.49
CA ASP A 23 5.38 -13.26 11.17
C ASP A 23 5.02 -14.34 10.13
N PHE A 24 5.35 -14.04 8.89
CA PHE A 24 5.03 -14.90 7.76
C PHE A 24 5.60 -16.32 7.81
N SER A 25 6.69 -16.50 8.53
CA SER A 25 7.31 -17.81 8.55
C SER A 25 6.92 -18.74 9.68
N SER A 26 6.19 -18.26 10.67
CA SER A 26 5.89 -19.11 11.82
C SER A 26 4.44 -19.53 11.96
N GLU A 27 4.14 -20.38 12.95
CA GLU A 27 2.77 -20.82 13.16
C GLU A 27 2.17 -20.08 14.34
N PRO A 28 0.84 -19.96 14.39
CA PRO A 28 0.16 -19.27 15.48
C PRO A 28 0.41 -20.00 16.80
N PHE A 29 0.50 -19.23 17.89
CA PHE A 29 0.67 -19.79 19.25
C PHE A 29 -0.19 -18.93 20.15
N TRP A 30 -0.70 -19.51 21.24
CA TRP A 30 -1.53 -18.76 22.19
C TRP A 30 -0.60 -17.84 22.99
N GLY A 31 -1.01 -16.57 23.13
CA GLY A 31 -0.16 -15.63 23.84
C GLY A 31 -0.75 -14.24 23.87
N ALA A 32 0.09 -13.24 24.09
CA ALA A 32 -0.41 -11.88 24.17
C ALA A 32 0.70 -10.93 23.81
N VAL A 33 0.33 -9.68 23.55
CA VAL A 33 1.31 -8.69 23.13
C VAL A 33 1.27 -7.47 24.03
N GLU A 34 2.44 -7.11 24.53
CA GLU A 34 2.55 -5.93 25.38
C GLU A 34 3.01 -4.75 24.53
N ILE A 35 2.21 -3.70 24.55
CA ILE A 35 2.46 -2.51 23.75
C ILE A 35 2.67 -1.24 24.60
N GLU A 36 3.72 -0.50 24.28
CA GLU A 36 4.02 0.74 25.01
C GLU A 36 4.60 1.80 24.07
N ASN A 37 4.02 3.00 24.11
CA ASN A 37 4.51 4.10 23.28
C ASN A 37 4.67 3.75 21.81
N GLY A 38 3.62 3.15 21.24
CA GLY A 38 3.61 2.79 19.82
C GLY A 38 4.49 1.63 19.36
N THR A 39 5.15 0.97 20.29
CA THR A 39 6.03 -0.13 19.94
C THR A 39 5.73 -1.39 20.74
N ILE A 40 6.24 -2.52 20.26
CA ILE A 40 5.99 -3.77 20.96
C ILE A 40 7.08 -3.92 22.02
N LYS A 41 6.64 -3.99 23.29
CA LYS A 41 7.55 -4.12 24.43
C LYS A 41 7.92 -5.59 24.68
N ARG A 42 6.91 -6.45 24.72
CA ARG A 42 7.13 -7.88 24.91
C ARG A 42 6.03 -8.70 24.25
N VAL A 43 6.40 -9.92 23.83
CA VAL A 43 5.46 -10.87 23.24
C VAL A 43 5.37 -12.04 24.26
N LEU A 44 4.18 -12.29 24.78
CA LEU A 44 3.99 -13.33 25.80
C LEU A 44 3.34 -14.61 25.27
N GLN A 45 3.79 -15.75 25.81
CA GLN A 45 3.28 -17.06 25.45
C GLN A 45 2.42 -17.63 26.56
N GLY A 46 1.36 -18.35 26.19
CA GLY A 46 0.46 -18.93 27.18
C GLY A 46 -0.61 -17.97 27.67
N GLU A 47 -1.25 -18.35 28.78
CA GLU A 47 -2.30 -17.51 29.34
C GLU A 47 -1.64 -16.47 30.24
N VAL A 48 -2.05 -15.21 30.11
CA VAL A 48 -1.50 -14.14 30.93
C VAL A 48 -2.61 -13.13 31.20
N LYS A 49 -2.39 -12.26 32.18
CA LYS A 49 -3.39 -11.23 32.47
C LYS A 49 -3.26 -10.21 31.35
N VAL A 50 -4.38 -9.87 30.72
CA VAL A 50 -4.35 -8.92 29.62
C VAL A 50 -5.43 -7.87 29.84
N ASP A 51 -5.25 -6.70 29.22
CA ASP A 51 -6.24 -5.65 29.33
C ASP A 51 -7.37 -5.88 28.33
N LEU A 52 -7.02 -6.34 27.14
CA LEU A 52 -8.02 -6.59 26.11
C LEU A 52 -7.93 -8.06 25.77
N ASP A 53 -9.02 -8.80 26.02
CA ASP A 53 -9.03 -10.22 25.76
C ASP A 53 -9.62 -10.47 24.38
N LEU A 54 -8.79 -11.00 23.49
CA LEU A 54 -9.27 -11.30 22.14
C LEU A 54 -9.39 -12.81 21.86
N SER A 55 -9.67 -13.61 22.90
CA SER A 55 -9.80 -15.04 22.71
C SER A 55 -10.79 -15.35 21.57
N GLY A 56 -10.43 -16.31 20.71
CA GLY A 56 -11.27 -16.67 19.58
C GLY A 56 -10.86 -15.86 18.36
N LYS A 57 -9.81 -15.05 18.52
CA LYS A 57 -9.33 -14.25 17.42
C LYS A 57 -7.85 -14.50 17.19
N LEU A 58 -7.33 -13.93 16.10
CA LEU A 58 -5.92 -14.10 15.73
C LEU A 58 -5.31 -12.70 15.62
N VAL A 59 -4.09 -12.53 16.13
CA VAL A 59 -3.37 -11.26 16.04
C VAL A 59 -2.17 -11.49 15.12
N MSE A 60 -2.00 -10.63 14.13
CA MSE A 60 -0.90 -10.77 13.21
C MSE A 60 -0.43 -9.35 12.83
O MSE A 60 -1.13 -8.39 13.10
CB MSE A 60 -1.39 -11.48 11.93
CG MSE A 60 -2.50 -10.67 11.23
SE MSE A 60 -2.97 -11.53 9.44
CE MSE A 60 -1.32 -11.19 8.53
N PRO A 61 0.74 -9.23 12.17
CA PRO A 61 1.27 -7.93 11.74
C PRO A 61 0.30 -7.32 10.71
N ALA A 62 0.23 -5.98 10.68
CA ALA A 62 -0.64 -5.28 9.75
C ALA A 62 -0.07 -5.29 8.35
N LEU A 63 -0.88 -4.86 7.37
CA LEU A 63 -0.50 -4.89 5.95
C LEU A 63 -0.05 -3.54 5.40
N PHE A 64 0.76 -3.58 4.36
CA PHE A 64 1.29 -2.36 3.76
C PHE A 64 1.07 -2.32 2.26
N ASN A 65 0.26 -1.37 1.82
CA ASN A 65 -0.09 -1.18 0.41
C ASN A 65 0.91 -0.27 -0.31
N THR A 66 1.69 -0.83 -1.23
CA THR A 66 2.75 -0.05 -1.88
C THR A 66 2.43 0.78 -3.11
N HIS A 67 1.13 0.88 -3.45
CA HIS A 67 0.73 1.71 -4.56
C HIS A 67 -0.74 2.11 -4.55
N THR A 68 -1.01 3.40 -4.44
CA THR A 68 -2.40 3.85 -4.55
C THR A 68 -2.46 5.35 -4.87
N HIS A 69 -3.67 5.88 -5.08
CA HIS A 69 -3.92 7.29 -5.41
C HIS A 69 -5.16 7.50 -4.56
N ALA A 70 -4.95 7.88 -3.30
CA ALA A 70 -6.06 7.83 -2.38
C ALA A 70 -7.38 8.51 -2.68
N PRO A 71 -7.36 9.78 -3.11
CA PRO A 71 -8.63 10.45 -3.41
C PRO A 71 -9.45 9.83 -4.53
N MSE A 72 -8.89 8.87 -5.29
CA MSE A 72 -9.64 8.25 -6.36
C MSE A 72 -10.80 7.39 -5.90
O MSE A 72 -11.56 6.84 -6.71
CB MSE A 72 -8.72 7.50 -7.34
CG MSE A 72 -7.82 8.51 -8.05
SE MSE A 72 -6.66 7.79 -9.44
CE MSE A 72 -8.00 7.98 -10.96
N THR A 73 -10.98 7.29 -4.60
CA THR A 73 -12.17 6.63 -4.07
C THR A 73 -13.35 7.47 -4.57
N LEU A 74 -13.13 8.76 -4.78
CA LEU A 74 -14.22 9.61 -5.27
C LEU A 74 -14.57 9.30 -6.74
N LEU A 75 -13.72 8.52 -7.41
CA LEU A 75 -13.96 8.14 -8.80
C LEU A 75 -14.25 6.64 -8.92
N ARG A 76 -14.54 5.97 -7.81
CA ARG A 76 -14.80 4.53 -7.88
C ARG A 76 -15.93 4.20 -8.88
N GLY A 77 -15.67 3.30 -9.82
CA GLY A 77 -16.67 2.90 -10.80
C GLY A 77 -17.09 3.93 -11.86
N VAL A 78 -16.36 5.04 -11.98
CA VAL A 78 -16.73 6.03 -13.02
C VAL A 78 -16.09 5.74 -14.38
N ALA A 79 -15.18 4.79 -14.45
CA ALA A 79 -14.50 4.55 -15.73
C ALA A 79 -14.41 3.09 -16.09
N GLU A 80 -15.54 2.47 -16.37
CA GLU A 80 -15.56 1.07 -16.69
C GLU A 80 -15.57 0.85 -18.18
N ASP A 81 -15.15 -0.35 -18.60
CA ASP A 81 -15.16 -0.82 -19.97
C ASP A 81 -14.43 0.11 -20.92
N LEU A 82 -13.25 0.52 -20.51
CA LEU A 82 -12.44 1.39 -21.35
C LEU A 82 -11.02 0.89 -21.37
N SER A 83 -10.32 1.13 -22.48
CA SER A 83 -8.90 0.79 -22.58
C SER A 83 -8.18 1.84 -21.72
N PHE A 84 -6.92 1.58 -21.38
CA PHE A 84 -6.13 2.50 -20.56
C PHE A 84 -6.07 3.95 -21.09
N GLU A 85 -5.81 4.13 -22.38
CA GLU A 85 -5.73 5.51 -22.89
C GLU A 85 -7.07 6.21 -22.73
N GLU A 86 -8.17 5.49 -22.95
CA GLU A 86 -9.51 6.07 -22.79
C GLU A 86 -9.76 6.38 -21.33
N TRP A 87 -9.44 5.41 -20.47
CA TRP A 87 -9.61 5.55 -19.02
C TRP A 87 -8.94 6.85 -18.52
N LEU A 88 -7.69 7.05 -18.89
CA LEU A 88 -6.95 8.20 -18.40
C LEU A 88 -7.34 9.55 -19.04
N PHE A 89 -7.27 9.63 -20.36
CA PHE A 89 -7.51 10.92 -21.02
C PHE A 89 -8.97 11.27 -21.28
N SER A 90 -9.80 10.26 -21.43
CA SER A 90 -11.20 10.59 -21.64
C SER A 90 -11.96 10.70 -20.33
N LYS A 91 -11.78 9.74 -19.43
CA LYS A 91 -12.58 9.77 -18.20
C LYS A 91 -12.00 10.42 -16.98
N VAL A 92 -10.81 9.96 -16.60
CA VAL A 92 -10.18 10.45 -15.39
C VAL A 92 -9.72 11.91 -15.36
N LEU A 93 -8.90 12.33 -16.32
CA LEU A 93 -8.40 13.70 -16.26
C LEU A 93 -9.47 14.81 -16.14
N PRO A 94 -10.58 14.72 -16.87
CA PRO A 94 -11.57 15.80 -16.72
C PRO A 94 -12.12 15.88 -15.30
N ILE A 95 -12.34 14.73 -14.67
CA ILE A 95 -12.80 14.75 -13.29
C ILE A 95 -11.70 15.27 -12.35
N GLU A 96 -10.46 14.82 -12.53
CA GLU A 96 -9.39 15.30 -11.64
C GLU A 96 -9.27 16.82 -11.66
N ASP A 97 -9.63 17.43 -12.79
CA ASP A 97 -9.58 18.89 -12.89
C ASP A 97 -10.56 19.59 -11.94
N ARG A 98 -11.57 18.87 -11.49
CA ARG A 98 -12.57 19.43 -10.58
C ARG A 98 -12.38 18.97 -9.16
N LEU A 99 -11.35 18.16 -8.92
CA LEU A 99 -11.12 17.64 -7.58
C LEU A 99 -10.41 18.67 -6.69
N THR A 100 -11.13 19.16 -5.68
CA THR A 100 -10.60 20.19 -4.79
C THR A 100 -9.73 19.71 -3.65
N GLU A 101 -9.10 20.65 -2.95
CA GLU A 101 -8.27 20.30 -1.79
C GLU A 101 -9.07 19.58 -0.70
N LYS A 102 -10.28 20.09 -0.47
CA LYS A 102 -11.16 19.52 0.52
C LYS A 102 -11.56 18.11 0.09
N MSE A 103 -11.81 17.92 -1.20
CA MSE A 103 -12.17 16.59 -1.72
C MSE A 103 -10.99 15.62 -1.55
O MSE A 103 -11.19 14.44 -1.22
CB MSE A 103 -12.57 16.67 -3.20
CG MSE A 103 -13.90 17.36 -3.41
SE MSE A 103 -14.35 17.32 -5.27
CE MSE A 103 -16.07 18.40 -5.26
N ALA A 104 -9.76 16.10 -1.77
CA ALA A 104 -8.59 15.24 -1.59
C ALA A 104 -8.56 14.77 -0.14
N TYR A 105 -8.87 15.68 0.79
CA TYR A 105 -8.87 15.34 2.20
C TYR A 105 -9.89 14.26 2.53
N TYR A 106 -11.16 14.49 2.19
CA TYR A 106 -12.21 13.51 2.50
C TYR A 106 -12.11 12.21 1.70
N GLY A 107 -11.67 12.32 0.45
CA GLY A 107 -11.50 11.13 -0.37
C GLY A 107 -10.43 10.26 0.26
N THR A 108 -9.43 10.84 0.95
CA THR A 108 -8.45 9.96 1.57
C THR A 108 -8.86 9.49 2.95
N ILE A 109 -9.77 10.22 3.61
CA ILE A 109 -10.30 9.69 4.86
C ILE A 109 -11.12 8.45 4.44
N LEU A 110 -11.85 8.56 3.33
CA LEU A 110 -12.67 7.43 2.84
C LEU A 110 -11.72 6.26 2.45
N ALA A 111 -10.63 6.55 1.76
CA ALA A 111 -9.69 5.51 1.36
C ALA A 111 -9.15 4.81 2.61
N GLN A 112 -8.86 5.56 3.66
CA GLN A 112 -8.34 4.91 4.88
C GLN A 112 -9.37 4.07 5.61
N MSE A 113 -10.62 4.51 5.55
CA MSE A 113 -11.69 3.78 6.19
C MSE A 113 -11.79 2.43 5.49
O MSE A 113 -11.94 1.41 6.14
CB MSE A 113 -13.02 4.55 6.07
CG MSE A 113 -13.16 5.72 7.05
SE MSE A 113 -14.71 6.82 6.54
CE MSE A 113 -16.20 5.60 6.95
N GLU A 114 -11.68 2.43 4.16
CA GLU A 114 -11.76 1.19 3.39
C GLU A 114 -10.56 0.33 3.65
N MSE A 115 -9.38 0.93 3.59
CA MSE A 115 -8.17 0.16 3.80
C MSE A 115 -8.04 -0.44 5.20
O MSE A 115 -7.54 -1.56 5.37
CB MSE A 115 -6.94 1.00 3.46
CG MSE A 115 -6.78 1.26 1.93
SE MSE A 115 -5.08 2.13 1.54
CE MSE A 115 -5.51 4.05 1.87
N ALA A 116 -8.46 0.32 6.21
CA ALA A 116 -8.34 -0.15 7.61
C ALA A 116 -9.21 -1.37 7.84
N ARG A 117 -10.32 -1.46 7.13
CA ARG A 117 -11.23 -2.61 7.25
C ARG A 117 -10.59 -3.86 6.71
N HIS A 118 -9.51 -3.68 5.94
CA HIS A 118 -8.80 -4.79 5.36
C HIS A 118 -7.43 -4.96 6.00
N GLY A 119 -7.27 -4.39 7.19
CA GLY A 119 -6.02 -4.57 7.92
C GLY A 119 -4.79 -3.82 7.48
N ILE A 120 -4.96 -2.78 6.67
CA ILE A 120 -3.82 -2.02 6.19
C ILE A 120 -3.42 -0.94 7.20
N ALA A 121 -2.13 -0.84 7.50
CA ALA A 121 -1.56 0.16 8.44
C ALA A 121 -0.92 1.34 7.69
N GLY A 122 -0.40 1.08 6.49
CA GLY A 122 0.26 2.13 5.72
C GLY A 122 0.12 1.98 4.21
N PHE A 123 0.26 3.08 3.48
CA PHE A 123 0.14 3.01 2.02
C PHE A 123 1.07 4.03 1.36
N VAL A 124 1.45 3.76 0.12
CA VAL A 124 2.28 4.68 -0.62
C VAL A 124 1.30 5.37 -1.59
N ASP A 125 1.33 6.70 -1.62
CA ASP A 125 0.44 7.46 -2.48
C ASP A 125 1.20 8.25 -3.53
N MSE A 126 0.58 8.44 -4.71
CA MSE A 126 1.14 9.27 -5.77
C MSE A 126 -0.04 10.13 -6.27
O MSE A 126 -0.92 9.63 -6.99
CB MSE A 126 1.69 8.47 -6.95
CG MSE A 126 2.22 9.39 -8.06
SE MSE A 126 2.19 8.32 -9.77
CE MSE A 126 3.80 7.23 -9.38
N TYR A 127 -0.10 11.40 -5.88
CA TYR A 127 -1.23 12.18 -6.33
C TYR A 127 -0.96 13.69 -6.29
N PHE A 128 -2.03 14.47 -6.14
CA PHE A 128 -1.92 15.94 -6.06
C PHE A 128 -2.71 16.42 -4.81
N HIS A 129 -2.62 17.70 -4.46
CA HIS A 129 -3.20 18.21 -3.23
C HIS A 129 -2.63 17.29 -2.13
N GLU A 130 -1.35 16.92 -2.24
CA GLU A 130 -0.80 15.96 -1.25
C GLU A 130 -0.75 16.49 0.17
N GLU A 131 -0.72 17.80 0.36
CA GLU A 131 -0.70 18.28 1.73
C GLU A 131 -2.05 17.99 2.40
N TRP A 132 -3.12 17.94 1.62
CA TRP A 132 -4.44 17.67 2.18
C TRP A 132 -4.58 16.16 2.43
N ILE A 133 -3.88 15.38 1.62
CA ILE A 133 -3.90 13.95 1.77
C ILE A 133 -3.14 13.69 3.07
N ALA A 134 -2.02 14.41 3.26
CA ALA A 134 -1.24 14.26 4.50
C ALA A 134 -2.06 14.62 5.73
N LYS A 135 -2.89 15.68 5.64
CA LYS A 135 -3.71 16.03 6.80
C LYS A 135 -4.68 14.90 7.13
N ALA A 136 -5.20 14.21 6.10
CA ALA A 136 -6.16 13.11 6.34
C ALA A 136 -5.45 11.94 7.02
N VAL A 137 -4.21 11.66 6.61
CA VAL A 137 -3.45 10.56 7.20
C VAL A 137 -3.12 10.93 8.66
N ARG A 138 -2.73 12.18 8.87
CA ARG A 138 -2.44 12.65 10.23
C ARG A 138 -3.65 12.43 11.11
N ASP A 139 -4.81 12.91 10.64
CA ASP A 139 -6.02 12.81 11.43
C ASP A 139 -6.55 11.40 11.64
N PHE A 140 -6.46 10.56 10.60
CA PHE A 140 -6.97 9.21 10.71
C PHE A 140 -6.09 8.26 11.50
N GLY A 141 -4.79 8.39 11.32
CA GLY A 141 -3.89 7.55 12.07
C GLY A 141 -3.01 6.55 11.35
N MSE A 142 -3.10 6.42 10.03
CA MSE A 142 -2.24 5.47 9.30
C MSE A 142 -0.84 6.02 9.09
O MSE A 142 -0.56 7.19 9.42
CB MSE A 142 -2.83 5.15 7.90
CG MSE A 142 -4.01 4.21 7.99
SE MSE A 142 -4.37 3.45 6.18
CE MSE A 142 -5.98 2.56 6.69
N ARG A 143 0.03 5.17 8.53
CA ARG A 143 1.38 5.56 8.16
C ARG A 143 1.26 5.76 6.66
N ALA A 144 2.14 6.56 6.07
CA ALA A 144 2.09 6.75 4.61
C ALA A 144 3.39 7.24 4.06
N LEU A 145 3.67 6.85 2.81
CA LEU A 145 4.84 7.38 2.10
C LEU A 145 4.08 8.18 1.04
N LEU A 146 4.11 9.50 1.17
CA LEU A 146 3.36 10.37 0.28
C LEU A 146 4.24 10.97 -0.79
N THR A 147 3.79 10.91 -2.03
CA THR A 147 4.57 11.46 -3.11
C THR A 147 3.65 12.27 -4.01
N ARG A 148 4.18 13.29 -4.67
CA ARG A 148 3.42 14.13 -5.59
C ARG A 148 3.59 13.53 -6.99
N GLY A 149 2.50 13.43 -7.76
CA GLY A 149 2.59 12.92 -9.13
C GLY A 149 3.31 13.93 -9.99
N LEU A 150 4.39 13.53 -10.66
CA LEU A 150 5.15 14.46 -11.45
C LEU A 150 5.12 14.09 -12.95
N VAL A 151 4.94 15.11 -13.79
CA VAL A 151 4.97 14.99 -15.25
C VAL A 151 5.48 16.32 -15.79
N ASP A 152 6.01 16.30 -17.01
CA ASP A 152 6.52 17.54 -17.59
C ASP A 152 6.36 17.54 -19.10
N SER A 153 6.64 18.70 -19.66
CA SER A 153 6.65 18.84 -21.10
C SER A 153 7.94 19.61 -21.32
N ASN A 154 8.95 18.92 -21.83
CA ASN A 154 10.24 19.54 -22.10
C ASN A 154 10.88 20.24 -20.89
N GLY A 155 10.74 19.64 -19.71
CA GLY A 155 11.32 20.24 -18.51
C GLY A 155 10.41 21.17 -17.74
N ASP A 156 9.28 21.56 -18.33
CA ASP A 156 8.31 22.43 -17.67
C ASP A 156 7.31 21.50 -16.97
N ASP A 157 7.37 21.43 -15.64
CA ASP A 157 6.48 20.54 -14.90
C ASP A 157 5.34 21.26 -14.21
N GLY A 158 5.14 22.51 -14.58
CA GLY A 158 4.04 23.26 -14.00
C GLY A 158 4.16 23.47 -12.49
N GLY A 159 5.36 23.42 -11.93
CA GLY A 159 5.52 23.59 -10.49
C GLY A 159 5.30 22.34 -9.65
N ARG A 160 5.19 21.17 -10.30
CA ARG A 160 4.90 19.95 -9.55
C ARG A 160 6.04 19.50 -8.62
N LEU A 161 7.28 19.53 -9.10
CA LEU A 161 8.40 19.15 -8.23
C LEU A 161 8.53 20.14 -7.03
N GLU A 162 8.31 21.43 -7.29
CA GLU A 162 8.33 22.44 -6.23
C GLU A 162 7.28 22.09 -5.20
N GLU A 163 6.06 21.71 -5.64
CA GLU A 163 5.03 21.31 -4.68
C GLU A 163 5.48 20.07 -3.88
N ASN A 164 6.13 19.13 -4.57
CA ASN A 164 6.62 17.92 -3.89
C ASN A 164 7.68 18.32 -2.84
N LEU A 165 8.46 19.36 -3.15
CA LEU A 165 9.49 19.81 -2.21
C LEU A 165 8.84 20.50 -1.00
N LYS A 166 7.75 21.21 -1.22
CA LYS A 166 7.04 21.85 -0.08
C LYS A 166 6.45 20.77 0.84
N LEU A 167 5.88 19.74 0.22
CA LEU A 167 5.34 18.60 0.93
C LEU A 167 6.43 17.95 1.80
N TYR A 168 7.61 17.76 1.22
CA TYR A 168 8.73 17.16 1.94
C TYR A 168 9.13 18.06 3.14
N ASN A 169 9.29 19.35 2.89
CA ASN A 169 9.61 20.30 3.97
C ASN A 169 8.61 20.27 5.12
N GLU A 170 7.34 20.16 4.79
CA GLU A 170 6.36 20.23 5.85
C GLU A 170 5.94 18.96 6.52
N TRP A 171 6.10 17.84 5.83
CA TRP A 171 5.61 16.57 6.34
C TRP A 171 6.54 15.43 6.49
N ASN A 172 7.74 15.50 5.91
CA ASN A 172 8.60 14.35 6.02
C ASN A 172 9.00 14.06 7.45
N GLY A 173 8.66 12.86 7.93
CA GLY A 173 9.03 12.44 9.25
C GLY A 173 7.97 12.66 10.29
N PHE A 174 6.86 13.29 9.90
CA PHE A 174 5.79 13.59 10.84
C PHE A 174 5.34 12.40 11.71
N GLU A 175 5.53 12.57 13.01
CA GLU A 175 5.19 11.54 14.00
C GLU A 175 5.71 10.13 13.72
N GLY A 176 6.76 10.01 12.93
CA GLY A 176 7.27 8.69 12.61
C GLY A 176 6.24 7.91 11.76
N ARG A 177 5.19 8.59 11.29
CA ARG A 177 4.16 7.95 10.49
C ARG A 177 4.19 8.33 9.04
N ILE A 178 4.60 9.55 8.73
CA ILE A 178 4.61 10.01 7.34
C ILE A 178 5.98 10.31 6.80
N PHE A 179 6.29 9.78 5.61
CA PHE A 179 7.56 10.07 4.94
C PHE A 179 7.10 10.63 3.59
N VAL A 180 7.97 11.41 2.96
CA VAL A 180 7.68 11.99 1.66
C VAL A 180 8.67 11.51 0.64
N GLY A 181 8.14 11.18 -0.53
CA GLY A 181 9.04 10.77 -1.61
C GLY A 181 8.59 11.52 -2.87
N PHE A 182 9.18 11.15 -4.01
CA PHE A 182 8.85 11.81 -5.27
C PHE A 182 8.15 10.82 -6.23
N GLY A 183 7.13 11.31 -6.93
CA GLY A 183 6.34 10.41 -7.80
C GLY A 183 6.23 10.66 -9.28
N PRO A 184 7.34 10.60 -10.03
CA PRO A 184 7.29 10.80 -11.48
C PRO A 184 6.23 9.74 -11.96
N HIS A 185 5.28 10.15 -12.78
CA HIS A 185 4.21 9.22 -13.20
C HIS A 185 4.71 7.96 -13.90
N SER A 186 5.65 8.14 -14.82
CA SER A 186 6.15 7.02 -15.63
C SER A 186 7.25 7.57 -16.49
N PRO A 187 7.99 6.67 -17.17
CA PRO A 187 9.07 7.12 -18.05
C PRO A 187 8.53 7.72 -19.35
N TYR A 188 7.22 7.65 -19.57
CA TYR A 188 6.68 8.22 -20.82
C TYR A 188 5.94 9.55 -20.62
N LEU A 189 5.47 9.82 -19.39
CA LEU A 189 4.85 11.12 -19.14
C LEU A 189 5.91 12.09 -18.54
N CYS A 190 7.13 11.59 -18.32
CA CYS A 190 8.25 12.42 -17.84
C CYS A 190 9.34 12.35 -18.88
N SER A 191 9.90 13.50 -19.27
CA SER A 191 10.98 13.50 -20.25
C SER A 191 12.23 12.93 -19.59
N GLU A 192 13.21 12.54 -20.39
CA GLU A 192 14.44 11.98 -19.84
C GLU A 192 15.20 12.94 -18.93
N GLU A 193 15.33 14.19 -19.35
CA GLU A 193 16.08 15.15 -18.53
C GLU A 193 15.38 15.44 -17.20
N TYR A 194 14.06 15.49 -17.23
CA TYR A 194 13.31 15.76 -16.01
C TYR A 194 13.37 14.57 -15.07
N LEU A 195 13.24 13.36 -15.62
CA LEU A 195 13.33 12.19 -14.77
C LEU A 195 14.70 12.17 -14.05
N LYS A 196 15.77 12.53 -14.76
CA LYS A 196 17.10 12.59 -14.15
C LYS A 196 17.11 13.60 -13.01
N ARG A 197 16.47 14.74 -13.26
CA ARG A 197 16.37 15.79 -12.24
C ARG A 197 15.63 15.27 -11.01
N VAL A 198 14.57 14.50 -11.22
CA VAL A 198 13.82 13.97 -10.08
C VAL A 198 14.68 12.97 -9.27
N PHE A 199 15.36 12.04 -9.95
CA PHE A 199 16.20 11.10 -9.22
C PHE A 199 17.34 11.85 -8.49
N ASP A 200 17.87 12.87 -9.13
CA ASP A 200 18.96 13.65 -8.49
C ASP A 200 18.48 14.28 -7.19
N THR A 201 17.26 14.83 -7.24
CA THR A 201 16.65 15.43 -6.07
C THR A 201 16.43 14.41 -4.98
N ALA A 202 15.82 13.27 -5.35
CA ALA A 202 15.54 12.23 -4.34
C ALA A 202 16.90 11.73 -3.74
N LYS A 203 17.91 11.56 -4.59
CA LYS A 203 19.20 11.11 -4.12
C LYS A 203 19.79 12.11 -3.11
N SER A 204 19.70 13.40 -3.41
CA SER A 204 20.25 14.42 -2.49
C SER A 204 19.54 14.39 -1.16
N LEU A 205 18.21 14.21 -1.17
CA LEU A 205 17.44 14.16 0.07
C LEU A 205 17.36 12.79 0.72
N ASN A 206 18.00 11.80 0.11
CA ASN A 206 17.94 10.45 0.63
C ASN A 206 16.44 10.10 0.75
N ALA A 207 15.67 10.40 -0.29
CA ALA A 207 14.24 10.13 -0.25
C ALA A 207 13.88 9.10 -1.34
N PRO A 208 12.74 8.43 -1.19
CA PRO A 208 12.38 7.43 -2.22
C PRO A 208 11.68 8.03 -3.44
N VAL A 209 11.62 7.23 -4.49
CA VAL A 209 10.94 7.59 -5.71
C VAL A 209 9.92 6.47 -5.98
N THR A 210 8.72 6.82 -6.41
CA THR A 210 7.81 5.79 -6.84
C THR A 210 7.42 6.17 -8.28
N ILE A 211 7.18 5.15 -9.13
CA ILE A 211 6.90 5.40 -10.54
C ILE A 211 6.13 4.24 -11.17
N HIS A 212 5.28 4.50 -12.18
CA HIS A 212 4.55 3.38 -12.86
C HIS A 212 5.58 2.92 -13.88
N LEU A 213 6.02 1.66 -13.82
CA LEU A 213 7.07 1.20 -14.72
C LEU A 213 6.63 -0.02 -15.59
N TYR A 214 6.82 0.06 -16.90
CA TYR A 214 6.41 -1.03 -17.81
C TYR A 214 4.99 -1.56 -17.51
N GLU A 215 4.06 -0.65 -17.27
CA GLU A 215 2.69 -1.07 -17.00
C GLU A 215 2.01 -1.65 -18.23
N THR A 216 2.28 -1.04 -19.39
CA THR A 216 1.64 -1.43 -20.65
C THR A 216 2.60 -2.03 -21.64
N SER A 217 2.08 -2.82 -22.57
CA SER A 217 2.92 -3.49 -23.56
C SER A 217 3.55 -2.52 -24.58
N LYS A 218 3.03 -1.30 -24.67
CA LYS A 218 3.56 -0.31 -25.62
C LYS A 218 4.91 0.25 -25.18
N GLU A 219 5.24 0.13 -23.90
CA GLU A 219 6.49 0.65 -23.36
C GLU A 219 7.68 -0.24 -23.63
N GLU A 220 8.50 0.14 -24.58
CA GLU A 220 9.65 -0.69 -24.93
C GLU A 220 11.01 0.01 -24.74
N TYR A 221 11.05 1.08 -23.95
CA TYR A 221 12.29 1.79 -23.68
C TYR A 221 13.25 0.85 -22.96
N ASP A 222 14.54 1.14 -22.98
CA ASP A 222 15.51 0.30 -22.29
C ASP A 222 15.63 0.79 -20.86
N LEU A 223 15.77 -0.13 -19.91
CA LEU A 223 15.86 0.26 -18.53
C LEU A 223 17.26 0.88 -18.24
N GLU A 224 18.23 0.65 -19.11
CA GLU A 224 19.58 1.23 -18.89
C GLU A 224 19.48 2.73 -18.71
N ASP A 225 18.57 3.34 -19.45
CA ASP A 225 18.35 4.79 -19.39
C ASP A 225 18.09 5.26 -17.96
N ILE A 226 17.26 4.51 -17.24
CA ILE A 226 16.91 4.88 -15.88
C ILE A 226 17.98 4.37 -14.92
N LEU A 227 18.54 3.19 -15.20
CA LEU A 227 19.59 2.64 -14.34
C LEU A 227 20.78 3.59 -14.29
N ASN A 228 20.97 4.36 -15.37
CA ASN A 228 22.10 5.27 -15.45
C ASN A 228 21.86 6.66 -14.87
N ILE A 229 20.68 6.93 -14.32
CA ILE A 229 20.41 8.26 -13.75
C ILE A 229 19.98 8.24 -12.29
N GLY A 230 20.21 7.13 -11.60
CA GLY A 230 19.84 7.07 -10.20
C GLY A 230 19.14 5.84 -9.66
N LEU A 231 18.55 5.02 -10.54
CA LEU A 231 17.83 3.83 -10.06
C LEU A 231 18.68 2.93 -9.19
N LYS A 232 20.00 2.91 -9.38
CA LYS A 232 20.82 2.01 -8.57
C LYS A 232 21.04 2.52 -7.18
N GLU A 233 20.88 3.83 -6.98
CA GLU A 233 21.14 4.43 -5.66
C GLU A 233 19.95 5.05 -4.94
N VAL A 234 18.80 5.10 -5.59
CA VAL A 234 17.67 5.71 -4.92
C VAL A 234 16.67 4.58 -4.64
N LYS A 235 16.13 4.50 -3.42
CA LYS A 235 15.13 3.49 -3.13
C LYS A 235 13.93 3.81 -4.06
N THR A 236 13.50 2.82 -4.84
CA THR A 236 12.45 3.02 -5.81
C THR A 236 11.38 1.94 -5.73
N ILE A 237 10.13 2.35 -5.67
CA ILE A 237 9.00 1.44 -5.62
C ILE A 237 8.43 1.58 -7.03
N ALA A 238 8.65 0.56 -7.83
CA ALA A 238 8.25 0.59 -9.24
C ALA A 238 6.93 -0.17 -9.37
N ALA A 239 5.85 0.56 -9.60
CA ALA A 239 4.54 -0.11 -9.70
C ALA A 239 4.40 -0.84 -11.02
N HIS A 240 3.69 -1.97 -11.00
CA HIS A 240 3.40 -2.82 -12.15
C HIS A 240 4.50 -3.74 -12.65
N CYS A 241 5.46 -3.20 -13.42
CA CYS A 241 6.54 -4.02 -13.98
C CYS A 241 6.01 -5.19 -14.78
N VAL A 242 4.81 -5.05 -15.34
CA VAL A 242 4.22 -6.16 -16.10
C VAL A 242 5.06 -6.53 -17.29
N HIS A 243 5.52 -5.52 -18.00
CA HIS A 243 6.28 -5.78 -19.21
C HIS A 243 7.78 -5.49 -19.03
N LEU A 244 8.25 -5.61 -17.77
CA LEU A 244 9.67 -5.40 -17.46
C LEU A 244 10.42 -6.59 -18.09
N PRO A 245 11.35 -6.30 -19.01
CA PRO A 245 12.07 -7.42 -19.65
C PRO A 245 12.88 -8.30 -18.70
N GLU A 246 12.73 -9.61 -18.86
CA GLU A 246 13.44 -10.53 -17.99
C GLU A 246 14.98 -10.36 -18.01
N ARG A 247 15.53 -9.81 -19.10
CA ARG A 247 16.97 -9.62 -19.16
C ARG A 247 17.44 -8.70 -18.01
N TYR A 248 16.54 -7.91 -17.43
CA TYR A 248 16.96 -7.01 -16.33
C TYR A 248 16.82 -7.55 -14.91
N PHE A 249 16.14 -8.71 -14.72
CA PHE A 249 15.91 -9.23 -13.38
C PHE A 249 17.16 -9.39 -12.53
N GLY A 250 18.26 -9.85 -13.14
CA GLY A 250 19.48 -10.02 -12.37
C GLY A 250 20.08 -8.74 -11.81
N VAL A 251 20.07 -7.64 -12.56
CA VAL A 251 20.65 -6.44 -11.99
C VAL A 251 19.71 -5.67 -11.07
N LEU A 252 18.47 -6.13 -10.95
CA LEU A 252 17.52 -5.42 -10.10
C LEU A 252 17.48 -6.04 -8.72
N LYS A 253 18.18 -7.15 -8.53
CA LYS A 253 18.17 -7.82 -7.24
C LYS A 253 18.90 -7.10 -6.09
N ASP A 254 20.13 -6.65 -6.33
CA ASP A 254 20.92 -6.05 -5.27
C ASP A 254 20.93 -4.51 -5.17
N ILE A 255 19.88 -3.86 -5.67
CA ILE A 255 19.76 -2.41 -5.55
C ILE A 255 18.45 -2.29 -4.78
N PRO A 256 18.16 -1.12 -4.17
CA PRO A 256 16.94 -0.89 -3.39
C PRO A 256 15.70 -0.65 -4.28
N PHE A 257 15.41 -1.64 -5.14
CA PHE A 257 14.33 -1.58 -6.11
C PHE A 257 13.23 -2.54 -5.65
N PHE A 258 12.04 -1.99 -5.43
CA PHE A 258 10.93 -2.76 -4.94
C PHE A 258 9.80 -2.72 -5.98
N VAL A 259 9.39 -3.88 -6.45
CA VAL A 259 8.29 -3.93 -7.39
C VAL A 259 6.98 -3.79 -6.58
N SER A 260 6.03 -3.00 -7.07
CA SER A 260 4.70 -2.96 -6.41
C SER A 260 3.78 -3.68 -7.42
N HIS A 261 3.44 -4.92 -7.07
CA HIS A 261 2.59 -5.79 -7.90
C HIS A 261 1.13 -5.41 -7.65
N ASN A 262 0.44 -5.02 -8.74
CA ASN A 262 -0.96 -4.55 -8.66
C ASN A 262 -1.76 -5.45 -9.57
N PRO A 263 -2.00 -6.70 -9.14
CA PRO A 263 -2.73 -7.62 -10.02
C PRO A 263 -4.11 -7.25 -10.54
N ALA A 264 -4.98 -6.76 -9.66
CA ALA A 264 -6.33 -6.43 -10.13
C ALA A 264 -6.33 -5.32 -11.18
N SER A 265 -5.56 -4.25 -10.93
CA SER A 265 -5.48 -3.14 -11.88
C SER A 265 -4.94 -3.63 -13.23
N ASN A 266 -3.90 -4.48 -13.19
CA ASN A 266 -3.29 -4.98 -14.41
C ASN A 266 -4.27 -5.79 -15.27
N LEU A 267 -5.09 -6.58 -14.62
CA LEU A 267 -6.11 -7.34 -15.37
C LEU A 267 -7.22 -6.40 -15.84
N LYS A 268 -7.71 -5.54 -14.94
CA LYS A 268 -8.85 -4.67 -15.24
C LYS A 268 -8.62 -3.72 -16.41
N LEU A 269 -7.39 -3.24 -16.57
CA LEU A 269 -7.09 -2.33 -17.65
C LEU A 269 -6.47 -3.02 -18.85
N GLY A 270 -6.54 -4.35 -18.88
CA GLY A 270 -6.06 -5.11 -20.01
C GLY A 270 -4.55 -5.15 -20.21
N ASN A 271 -3.80 -4.98 -19.13
CA ASN A 271 -2.35 -4.99 -19.22
C ASN A 271 -1.70 -6.35 -19.08
N GLY A 272 -2.39 -7.29 -18.45
CA GLY A 272 -1.84 -8.62 -18.33
C GLY A 272 -1.44 -9.04 -16.93
N ILE A 273 -0.49 -9.96 -16.85
CA ILE A 273 -0.03 -10.54 -15.60
C ILE A 273 1.49 -10.43 -15.47
N ALA A 274 1.94 -9.69 -14.46
CA ALA A 274 3.41 -9.57 -14.24
C ALA A 274 4.00 -10.95 -13.89
N PRO A 275 5.25 -11.20 -14.28
CA PRO A 275 5.91 -12.49 -14.02
C PRO A 275 6.54 -12.51 -12.63
N VAL A 276 5.69 -12.36 -11.61
CA VAL A 276 6.11 -12.27 -10.24
C VAL A 276 6.95 -13.47 -9.74
N GLN A 277 6.52 -14.68 -10.09
CA GLN A 277 7.27 -15.87 -9.64
C GLN A 277 8.69 -15.82 -10.19
N ARG A 278 8.87 -15.51 -11.48
CA ARG A 278 10.24 -15.46 -12.03
C ARG A 278 11.05 -14.33 -11.39
N MSE A 279 10.40 -13.18 -11.14
CA MSE A 279 11.12 -12.11 -10.46
C MSE A 279 11.62 -12.54 -9.07
O MSE A 279 12.77 -12.27 -8.70
CB MSE A 279 10.20 -10.89 -10.32
CG MSE A 279 9.77 -10.39 -11.67
SE MSE A 279 8.72 -8.70 -11.39
CE MSE A 279 9.31 -7.92 -12.95
N ILE A 280 10.76 -13.20 -8.30
CA ILE A 280 11.13 -13.62 -6.96
C ILE A 280 12.25 -14.65 -7.07
N GLU A 281 12.16 -15.50 -8.09
CA GLU A 281 13.20 -16.51 -8.29
C GLU A 281 14.56 -15.88 -8.59
N HIS A 282 14.57 -14.65 -9.15
CA HIS A 282 15.83 -13.97 -9.44
C HIS A 282 16.24 -13.11 -8.27
N GLY A 283 15.54 -13.25 -7.15
CA GLY A 283 15.86 -12.50 -5.95
C GLY A 283 15.30 -11.09 -5.85
N MSE A 284 14.43 -10.72 -6.76
CA MSE A 284 13.85 -9.36 -6.68
C MSE A 284 12.90 -9.16 -5.53
O MSE A 284 12.20 -10.10 -5.11
CB MSE A 284 13.16 -9.05 -7.98
CG MSE A 284 14.15 -8.86 -9.10
SE MSE A 284 13.30 -8.56 -10.82
CE MSE A 284 12.23 -6.86 -10.44
N LYS A 285 12.85 -7.94 -5.00
CA LYS A 285 11.97 -7.61 -3.89
C LYS A 285 10.59 -7.23 -4.46
N VAL A 286 9.56 -7.97 -4.06
CA VAL A 286 8.22 -7.71 -4.59
C VAL A 286 7.26 -7.44 -3.48
N THR A 287 6.40 -6.44 -3.70
CA THR A 287 5.42 -6.07 -2.71
C THR A 287 4.07 -5.98 -3.42
N LEU A 288 3.00 -5.72 -2.67
CA LEU A 288 1.66 -5.63 -3.26
C LEU A 288 1.04 -4.25 -3.10
N GLY A 289 0.40 -3.78 -4.18
CA GLY A 289 -0.27 -2.50 -4.16
C GLY A 289 -1.66 -2.72 -4.76
N THR A 290 -2.59 -1.80 -4.47
CA THR A 290 -3.96 -1.91 -5.00
C THR A 290 -4.21 -1.05 -6.23
N ASP A 291 -3.43 0.03 -6.35
CA ASP A 291 -3.63 1.07 -7.37
C ASP A 291 -4.84 1.88 -6.88
N GLY A 292 -5.44 2.72 -7.73
CA GLY A 292 -6.55 3.54 -7.26
C GLY A 292 -7.92 2.89 -7.43
N ALA A 293 -8.93 3.45 -6.75
CA ALA A 293 -10.27 2.90 -6.77
C ALA A 293 -11.00 2.98 -8.11
N ALA A 294 -10.44 3.69 -9.10
CA ALA A 294 -11.08 3.78 -10.42
C ALA A 294 -10.57 2.70 -11.34
N SER A 295 -9.55 1.94 -10.91
CA SER A 295 -9.10 0.81 -11.70
C SER A 295 -8.72 -0.38 -10.82
N ASN A 296 -9.63 -0.84 -9.96
CA ASN A 296 -9.25 -2.02 -9.19
C ASN A 296 -10.57 -2.60 -8.93
N ASN A 297 -11.09 -1.53 -8.33
CA ASN A 297 -12.12 -0.79 -7.63
C ASN A 297 -12.12 -0.93 -6.13
N SER A 298 -11.44 -1.94 -5.55
CA SER A 298 -11.39 -2.02 -4.09
C SER A 298 -9.99 -1.65 -3.61
N LEU A 299 -9.85 -1.33 -2.32
CA LEU A 299 -8.53 -1.04 -1.77
C LEU A 299 -8.41 -2.12 -0.67
N ASN A 300 -8.29 -3.37 -1.10
CA ASN A 300 -8.24 -4.52 -0.20
C ASN A 300 -6.99 -5.36 -0.52
N LEU A 301 -5.96 -5.27 0.32
CA LEU A 301 -4.70 -5.97 0.05
C LEU A 301 -4.78 -7.48 0.25
N PHE A 302 -5.75 -7.98 1.04
CA PHE A 302 -5.93 -9.44 1.16
C PHE A 302 -6.43 -9.97 -0.20
N PHE A 303 -7.38 -9.24 -0.81
CA PHE A 303 -7.86 -9.62 -2.14
C PHE A 303 -6.68 -9.56 -3.12
N GLU A 304 -5.86 -8.48 -3.10
CA GLU A 304 -4.75 -8.41 -4.06
C GLU A 304 -3.78 -9.57 -3.86
N MSE A 305 -3.50 -9.88 -2.59
CA MSE A 305 -2.56 -10.97 -2.28
C MSE A 305 -3.11 -12.31 -2.80
O MSE A 305 -2.41 -13.09 -3.43
CB MSE A 305 -2.37 -11.07 -0.75
CG MSE A 305 -1.41 -12.20 -0.37
SE MSE A 305 -1.50 -12.41 1.58
CE MSE A 305 -3.37 -12.86 1.77
N ARG A 306 -4.36 -12.57 -2.51
CA ARG A 306 -4.97 -13.84 -2.96
C ARG A 306 -4.98 -13.93 -4.49
N LEU A 307 -5.40 -12.85 -5.15
CA LEU A 307 -5.41 -12.82 -6.61
C LEU A 307 -4.00 -13.01 -7.17
N ALA A 308 -3.00 -12.33 -6.59
CA ALA A 308 -1.63 -12.51 -7.07
C ALA A 308 -1.21 -14.00 -6.99
N SER A 309 -1.47 -14.64 -5.84
CA SER A 309 -1.14 -16.06 -5.67
C SER A 309 -1.79 -16.91 -6.80
N LEU A 310 -3.10 -16.73 -6.99
CA LEU A 310 -3.83 -17.49 -8.02
C LEU A 310 -3.30 -17.29 -9.44
N LEU A 311 -2.95 -16.06 -9.80
CA LEU A 311 -2.47 -15.79 -11.15
C LEU A 311 -1.14 -16.48 -11.42
N GLN A 312 -0.25 -16.50 -10.42
CA GLN A 312 1.02 -17.23 -10.62
C GLN A 312 0.77 -18.77 -10.60
N LYS A 313 -0.19 -19.23 -9.79
CA LYS A 313 -0.48 -20.67 -9.70
C LYS A 313 -1.03 -21.22 -11.02
N ALA A 314 -1.57 -20.32 -11.84
CA ALA A 314 -2.11 -20.73 -13.13
C ALA A 314 -0.98 -21.38 -13.95
N GLN A 315 0.24 -20.90 -13.74
CA GLN A 315 1.38 -21.42 -14.48
C GLN A 315 1.91 -22.67 -13.78
N ASN A 316 1.90 -22.65 -12.45
CA ASN A 316 2.38 -23.81 -11.68
C ASN A 316 1.79 -23.66 -10.29
N PRO A 317 0.98 -24.63 -9.88
CA PRO A 317 0.31 -24.61 -8.57
C PRO A 317 1.22 -24.50 -7.36
N ARG A 318 2.53 -24.74 -7.54
CA ARG A 318 3.49 -24.60 -6.43
C ARG A 318 3.98 -23.13 -6.30
N ASN A 319 3.65 -22.29 -7.26
CA ASN A 319 4.07 -20.87 -7.21
C ASN A 319 3.41 -20.08 -6.07
N LEU A 320 4.13 -19.05 -5.62
CA LEU A 320 3.64 -18.13 -4.59
C LEU A 320 2.93 -18.83 -3.43
N ASP A 321 3.73 -19.51 -2.61
CA ASP A 321 3.17 -20.25 -1.49
C ASP A 321 2.68 -19.31 -0.42
N VAL A 322 1.97 -19.88 0.55
CA VAL A 322 1.37 -19.10 1.62
C VAL A 322 2.34 -18.19 2.39
N ASN A 323 3.48 -18.72 2.81
CA ASN A 323 4.42 -17.86 3.57
C ASN A 323 4.94 -16.68 2.75
N THR A 324 5.22 -16.92 1.47
CA THR A 324 5.72 -15.88 0.59
C THR A 324 4.65 -14.80 0.43
N CYS A 325 3.39 -15.22 0.28
CA CYS A 325 2.29 -14.23 0.15
C CYS A 325 2.14 -13.37 1.40
N LEU A 326 2.18 -14.02 2.56
CA LEU A 326 2.07 -13.28 3.81
C LEU A 326 3.26 -12.35 4.01
N LYS A 327 4.44 -12.76 3.57
CA LYS A 327 5.64 -11.92 3.70
C LYS A 327 5.51 -10.63 2.80
N MSE A 328 5.01 -10.79 1.59
CA MSE A 328 4.85 -9.66 0.69
C MSE A 328 3.88 -8.60 1.23
O MSE A 328 4.17 -7.39 1.16
CB MSE A 328 4.35 -10.17 -0.70
CG MSE A 328 5.41 -10.89 -1.48
SE MSE A 328 4.77 -11.45 -3.26
CE MSE A 328 3.46 -10.26 -3.60
N VAL A 329 2.75 -9.03 1.77
CA VAL A 329 1.81 -8.02 2.27
C VAL A 329 2.17 -7.39 3.59
N THR A 330 3.03 -8.01 4.38
CA THR A 330 3.33 -7.45 5.69
C THR A 330 4.74 -6.88 5.64
N TYR A 331 5.71 -7.72 6.00
CA TYR A 331 7.10 -7.32 6.03
C TYR A 331 7.69 -6.61 4.79
N ASP A 332 7.54 -7.21 3.59
CA ASP A 332 8.12 -6.59 2.40
C ASP A 332 7.59 -5.20 2.13
N GLY A 333 6.27 -5.01 2.28
CA GLY A 333 5.68 -3.71 2.03
C GLY A 333 6.18 -2.71 3.08
N ALA A 334 6.27 -3.14 4.34
CA ALA A 334 6.78 -2.22 5.38
C ALA A 334 8.23 -1.83 5.05
N GLN A 335 9.03 -2.80 4.58
CA GLN A 335 10.42 -2.53 4.20
C GLN A 335 10.48 -1.52 3.05
N ALA A 336 9.63 -1.69 2.05
CA ALA A 336 9.63 -0.74 0.91
C ALA A 336 9.36 0.69 1.42
N MSE A 337 8.46 0.80 2.39
CA MSE A 337 8.08 2.10 2.94
C MSE A 337 9.04 2.64 4.00
O MSE A 337 8.89 3.78 4.45
CB MSE A 337 6.67 2.03 3.50
CG MSE A 337 5.62 1.84 2.37
SE MSE A 337 3.79 1.87 3.11
CE MSE A 337 3.76 3.64 3.72
N GLY A 338 10.00 1.83 4.42
CA GLY A 338 10.96 2.29 5.42
C GLY A 338 10.51 2.20 6.86
N PHE A 339 9.54 1.33 7.18
CA PHE A 339 9.05 1.20 8.53
C PHE A 339 9.44 -0.11 9.18
N LYS A 340 9.66 -0.09 10.50
CA LYS A 340 10.04 -1.29 11.26
C LYS A 340 8.77 -2.00 11.71
N SER A 341 8.05 -2.54 10.72
CA SER A 341 6.78 -3.23 10.95
C SER A 341 6.82 -4.50 10.11
N GLY A 342 5.84 -5.36 10.31
CA GLY A 342 5.83 -6.58 9.55
C GLY A 342 6.10 -7.81 10.40
N LYS A 343 6.50 -7.60 11.66
CA LYS A 343 6.77 -8.72 12.58
C LYS A 343 6.35 -8.35 14.01
N ILE A 344 5.69 -9.27 14.72
CA ILE A 344 5.30 -9.03 16.13
C ILE A 344 6.50 -9.47 16.94
N GLU A 345 7.39 -8.51 17.18
CA GLU A 345 8.65 -8.76 17.85
C GLU A 345 9.02 -7.54 18.69
N GLU A 346 9.70 -7.78 19.80
CA GLU A 346 10.12 -6.72 20.70
C GLU A 346 10.84 -5.60 19.97
N GLY A 347 10.41 -4.36 20.20
CA GLY A 347 11.06 -3.22 19.57
C GLY A 347 10.52 -2.79 18.21
N TRP A 348 9.67 -3.61 17.62
CA TRP A 348 9.07 -3.31 16.31
C TRP A 348 7.82 -2.46 16.53
N ASN A 349 7.33 -1.80 15.49
CA ASN A 349 6.14 -0.97 15.61
C ASN A 349 4.92 -1.78 15.98
N ALA A 350 4.02 -1.17 16.73
CA ALA A 350 2.78 -1.81 17.15
C ALA A 350 1.71 -1.57 16.07
N ASP A 351 1.94 -2.19 14.91
CA ASP A 351 1.03 -2.12 13.72
C ASP A 351 0.51 -3.56 13.62
N LEU A 352 -0.72 -3.74 14.09
CA LEU A 352 -1.29 -5.07 14.20
C LEU A 352 -2.67 -5.15 13.67
N VAL A 353 -3.07 -6.39 13.36
CA VAL A 353 -4.41 -6.66 12.86
C VAL A 353 -5.03 -7.82 13.62
N VAL A 354 -6.34 -7.71 13.85
CA VAL A 354 -7.07 -8.75 14.55
C VAL A 354 -8.09 -9.39 13.59
N ILE A 355 -8.00 -10.72 13.45
CA ILE A 355 -8.85 -11.50 12.55
C ILE A 355 -9.83 -12.39 13.33
N ASP A 356 -11.09 -12.41 12.95
CA ASP A 356 -12.03 -13.26 13.66
C ASP A 356 -11.86 -14.70 13.18
N LEU A 357 -11.64 -15.65 14.10
CA LEU A 357 -11.47 -17.02 13.64
C LEU A 357 -12.76 -17.83 13.72
N ASP A 358 -13.81 -17.21 14.25
CA ASP A 358 -15.09 -17.88 14.41
C ASP A 358 -15.98 -17.66 13.21
N LEU A 359 -15.48 -18.03 12.05
CA LEU A 359 -16.16 -17.87 10.79
C LEU A 359 -15.95 -19.17 10.02
N PRO A 360 -16.91 -19.53 9.16
CA PRO A 360 -16.88 -20.76 8.34
C PRO A 360 -15.60 -20.94 7.50
N GLU A 361 -15.12 -19.87 6.88
CA GLU A 361 -13.95 -19.97 6.03
C GLU A 361 -12.64 -20.13 6.81
N MSE A 362 -12.69 -20.05 8.14
CA MSE A 362 -11.46 -20.23 8.93
C MSE A 362 -11.36 -21.66 9.53
O MSE A 362 -10.61 -21.90 10.47
CB MSE A 362 -11.44 -19.20 10.06
CG MSE A 362 -11.46 -17.75 9.51
SE MSE A 362 -9.96 -17.34 8.26
CE MSE A 362 -8.60 -17.52 9.41
N PHE A 363 -12.13 -22.59 8.99
CA PHE A 363 -12.16 -23.99 9.44
C PHE A 363 -11.74 -24.85 8.25
N PRO A 364 -10.99 -25.95 8.46
CA PRO A 364 -10.48 -26.48 9.74
C PRO A 364 -9.51 -25.52 10.41
N VAL A 365 -9.52 -25.53 11.74
CA VAL A 365 -8.66 -24.62 12.53
C VAL A 365 -7.19 -24.95 12.28
N GLN A 366 -6.91 -26.21 11.95
CA GLN A 366 -5.53 -26.63 11.69
C GLN A 366 -4.88 -25.84 10.55
N ASN A 367 -5.66 -25.26 9.64
CA ASN A 367 -4.98 -24.56 8.55
C ASN A 367 -5.22 -23.10 8.39
N ILE A 368 -5.28 -22.43 9.54
CA ILE A 368 -5.51 -20.98 9.58
C ILE A 368 -4.63 -20.16 8.62
N LYS A 369 -3.32 -20.39 8.57
CA LYS A 369 -2.48 -19.58 7.63
C LYS A 369 -2.90 -19.74 6.19
N ASN A 370 -3.19 -20.97 5.81
CA ASN A 370 -3.65 -21.22 4.45
C ASN A 370 -4.97 -20.48 4.19
N HIS A 371 -5.84 -20.45 5.19
CA HIS A 371 -7.13 -19.76 5.02
C HIS A 371 -6.91 -18.27 4.87
N LEU A 372 -5.92 -17.73 5.56
CA LEU A 372 -5.67 -16.26 5.47
C LEU A 372 -5.40 -15.84 4.04
N VAL A 373 -4.81 -16.73 3.26
CA VAL A 373 -4.46 -16.44 1.88
C VAL A 373 -5.53 -16.90 0.88
N HIS A 374 -6.06 -18.11 1.07
CA HIS A 374 -7.01 -18.65 0.08
C HIS A 374 -8.49 -18.75 0.40
N ALA A 375 -8.92 -18.28 1.57
CA ALA A 375 -10.35 -18.40 1.94
C ALA A 375 -10.92 -17.17 2.65
N PHE A 376 -10.07 -16.50 3.42
CA PHE A 376 -10.46 -15.32 4.19
C PHE A 376 -11.12 -14.23 3.36
N SER A 377 -12.21 -13.67 3.90
CA SER A 377 -12.94 -12.60 3.23
C SER A 377 -12.13 -11.32 3.02
N GLY A 378 -11.16 -11.07 3.90
CA GLY A 378 -10.40 -9.84 3.80
C GLY A 378 -10.96 -8.80 4.80
N GLU A 379 -12.08 -9.10 5.45
CA GLU A 379 -12.68 -8.19 6.45
C GLU A 379 -12.12 -8.48 7.82
N VAL A 380 -11.26 -7.59 8.33
CA VAL A 380 -10.66 -7.80 9.65
C VAL A 380 -11.58 -7.30 10.78
N PHE A 381 -11.27 -7.74 11.99
CA PHE A 381 -12.04 -7.34 13.16
C PHE A 381 -11.49 -6.00 13.67
N ALA A 382 -10.18 -5.83 13.64
CA ALA A 382 -9.55 -4.58 14.08
C ALA A 382 -8.15 -4.36 13.52
N THR A 383 -7.76 -3.09 13.43
CA THR A 383 -6.46 -2.70 12.93
C THR A 383 -5.88 -1.65 13.87
N MSE A 384 -4.64 -1.85 14.25
CA MSE A 384 -3.95 -0.94 15.15
C MSE A 384 -2.70 -0.37 14.46
O MSE A 384 -1.97 -1.10 13.81
CB MSE A 384 -3.49 -1.68 16.40
CG MSE A 384 -2.48 -0.87 17.21
SE MSE A 384 -1.93 -1.97 18.78
CE MSE A 384 -3.47 -1.53 19.84
N VAL A 385 -2.48 0.93 14.58
CA VAL A 385 -1.28 1.52 14.00
C VAL A 385 -0.59 2.36 15.07
N ALA A 386 0.70 2.14 15.25
CA ALA A 386 1.48 2.90 16.23
C ALA A 386 0.79 2.81 17.59
N GLY A 387 0.38 1.60 17.95
CA GLY A 387 -0.28 1.35 19.22
C GLY A 387 -1.65 1.97 19.40
N LYS A 388 -2.26 2.46 18.32
CA LYS A 388 -3.57 3.07 18.41
C LYS A 388 -4.58 2.37 17.53
N TRP A 389 -5.79 2.11 18.05
CA TRP A 389 -6.79 1.45 17.21
C TRP A 389 -7.35 2.42 16.19
N ILE A 390 -7.28 2.06 14.91
CA ILE A 390 -7.84 2.93 13.88
C ILE A 390 -9.12 2.31 13.30
N TYR A 391 -9.37 1.05 13.63
CA TYR A 391 -10.59 0.37 13.18
C TYR A 391 -10.83 -0.70 14.24
N PHE A 392 -12.06 -0.82 14.71
CA PHE A 392 -12.36 -1.81 15.74
C PHE A 392 -13.84 -2.21 15.72
N ASP A 393 -14.06 -3.47 15.36
CA ASP A 393 -15.40 -4.02 15.31
C ASP A 393 -16.39 -3.11 14.58
N GLY A 394 -16.08 -2.74 13.34
CA GLY A 394 -17.00 -1.89 12.59
C GLY A 394 -16.91 -0.38 12.83
N GLU A 395 -16.20 0.03 13.86
CA GLU A 395 -16.10 1.47 14.11
C GLU A 395 -14.75 2.14 13.91
N TYR A 396 -14.81 3.43 13.65
CA TYR A 396 -13.60 4.22 13.41
C TYR A 396 -13.37 5.22 14.53
N PRO A 397 -12.68 4.80 15.59
CA PRO A 397 -12.38 5.64 16.74
C PRO A 397 -11.66 6.97 16.53
N THR A 398 -10.96 7.14 15.41
CA THR A 398 -10.22 8.40 15.23
C THR A 398 -10.95 9.51 14.48
N ILE A 399 -12.12 9.21 13.95
CA ILE A 399 -12.85 10.24 13.21
C ILE A 399 -14.29 10.27 13.62
N ASP A 400 -14.99 11.30 13.16
CA ASP A 400 -16.41 11.48 13.37
C ASP A 400 -16.98 10.89 12.08
N SER A 401 -17.35 9.61 12.10
CA SER A 401 -17.86 8.96 10.89
C SER A 401 -19.09 9.60 10.33
N GLU A 402 -20.00 10.08 11.18
CA GLU A 402 -21.20 10.67 10.62
C GLU A 402 -20.94 12.00 9.91
N GLU A 403 -20.03 12.81 10.44
CA GLU A 403 -19.73 14.06 9.77
C GLU A 403 -19.04 13.70 8.43
N VAL A 404 -18.06 12.79 8.48
CA VAL A 404 -17.40 12.38 7.25
C VAL A 404 -18.44 11.89 6.23
N LYS A 405 -19.41 11.07 6.66
CA LYS A 405 -20.42 10.62 5.69
C LYS A 405 -21.23 11.77 5.08
N ARG A 406 -21.56 12.77 5.88
CA ARG A 406 -22.30 13.90 5.37
C ARG A 406 -21.45 14.70 4.37
N GLU A 407 -20.18 14.96 4.68
CA GLU A 407 -19.35 15.70 3.73
C GLU A 407 -19.20 14.92 2.42
N LEU A 408 -19.02 13.59 2.50
CA LEU A 408 -18.87 12.79 1.28
C LEU A 408 -20.14 12.82 0.43
N ALA A 409 -21.31 12.82 1.07
CA ALA A 409 -22.54 12.91 0.27
C ALA A 409 -22.61 14.27 -0.46
N ARG A 410 -22.20 15.33 0.23
CA ARG A 410 -22.19 16.64 -0.39
C ARG A 410 -21.17 16.63 -1.53
N ILE A 411 -20.02 16.00 -1.30
CA ILE A 411 -18.98 15.95 -2.33
C ILE A 411 -19.45 15.21 -3.59
N GLU A 412 -20.18 14.11 -3.41
CA GLU A 412 -20.65 13.41 -4.61
C GLU A 412 -21.56 14.32 -5.45
N LYS A 413 -22.43 15.07 -4.77
CA LYS A 413 -23.32 15.97 -5.52
C LYS A 413 -22.53 17.07 -6.22
N GLU A 414 -21.58 17.64 -5.48
CA GLU A 414 -20.73 18.72 -5.98
C GLU A 414 -19.83 18.29 -7.14
N LEU A 415 -19.21 17.13 -7.01
CA LEU A 415 -18.29 16.65 -8.05
C LEU A 415 -19.01 16.17 -9.30
N TYR A 416 -20.15 15.51 -9.13
CA TYR A 416 -20.90 14.99 -10.27
C TYR A 416 -22.24 15.73 -10.48
N SER A 417 -22.41 16.87 -9.84
CA SER A 417 -23.62 17.70 -9.93
C SER A 417 -24.90 16.93 -10.28
NI NI B . -1.36 3.86 -10.29
#